data_5WZG
#
_entry.id   5WZG
#
_cell.length_a   187.067
_cell.length_b   187.067
_cell.length_c   45.269
_cell.angle_alpha   90.000
_cell.angle_beta   90.000
_cell.angle_gamma   120.000
#
_symmetry.space_group_name_H-M   'P 65'
#
loop_
_entity.id
_entity.type
_entity.pdbx_description
1 polymer 'Pumilio homolog 23'
2 polymer "RNA (5'-R(*GP*AP*AP*UP*UP*GP*AP*CP*GP*G)-3')"
3 water water
#
loop_
_entity_poly.entity_id
_entity_poly.type
_entity_poly.pdbx_seq_one_letter_code
_entity_poly.pdbx_strand_id
1 'polypeptide(L)'
;MGSSHHHHHHMRKEIDPETSKYFSEIANLFDSNEVELEERSVICGNALEETRGREYEIATDYIISHVLQTLLEGCELDQL
CSFIRNSASVFPAIAMDRSGSHVAESALKSLATHLENPDAYSVIEEALHSICKVIVDNPLDMMCNCYGSHVLRRLLCLCK
GVSLDSPELYGAKSSKALAKRLNLKMSQLDDNNLEIPHQGFPGMLTYLLSGLLSCSREDMKYLQVDQYSSLVLQTALRLM
LKQDEQLLEIIPLILRCNSTNKKVEGFHIETNVAKEILESMKDNSFSHLVEVILEVAPESLYNEMFNKVFKNSLFELSVD
RCANFVIQALISHARDQEQMGIMWEELAPRFKDLLEQGKSGVVASLIAVSQRLQSHENKCCEALVGAVCSTNESRISILP
RLLFLDYYFGCRDKSTWEWAPGAKMHVMGCLILQGIFKFSSDHIQPYITSLTSMKAEYITETAKDSSGARVIEAFLASDA
ATKQKRRLIIKLRGHFGELSLHTSGSFTVEKCFDACNLTLREAIASELLDVKVDLSKTKQGPYLLRKLDIDGYASRPDQW
KSRQEAKQSTYNEFCSAFGSNK
;
A
2 'polyribonucleotide' GAAUUGACGG B
#
# COMPACT_ATOMS: atom_id res chain seq x y z
N ILE A 15 -4.24 41.05 -14.37
CA ILE A 15 -3.75 40.21 -15.46
C ILE A 15 -3.97 40.91 -16.81
N ASP A 16 -3.16 41.94 -17.07
CA ASP A 16 -3.22 42.63 -18.35
C ASP A 16 -2.68 41.73 -19.45
N PRO A 17 -2.97 42.03 -20.72
CA PRO A 17 -2.46 41.19 -21.81
C PRO A 17 -0.95 41.21 -21.98
N GLU A 18 -0.23 42.23 -21.48
CA GLU A 18 1.23 42.19 -21.57
C GLU A 18 1.80 41.10 -20.67
N THR A 19 1.30 41.02 -19.44
CA THR A 19 1.67 39.93 -18.55
C THR A 19 1.36 38.57 -19.19
N SER A 20 0.17 38.47 -19.79
CA SER A 20 -0.22 37.25 -20.46
C SER A 20 0.73 36.93 -21.62
N LYS A 21 1.00 37.93 -22.47
CA LYS A 21 1.92 37.69 -23.58
C LYS A 21 3.30 37.29 -23.09
N TYR A 22 3.75 37.90 -21.99
CA TYR A 22 5.10 37.61 -21.49
C TYR A 22 5.23 36.13 -21.12
N PHE A 23 4.35 35.64 -20.24
CA PHE A 23 4.48 34.26 -19.79
C PHE A 23 4.16 33.27 -20.90
N SER A 24 3.29 33.64 -21.84
CA SER A 24 3.07 32.77 -22.98
C SER A 24 4.32 32.70 -23.86
N GLU A 25 4.98 33.85 -24.06
CA GLU A 25 6.18 33.85 -24.88
C GLU A 25 7.30 33.10 -24.19
N ILE A 26 7.38 33.16 -22.86
CA ILE A 26 8.35 32.33 -22.17
C ILE A 26 8.04 30.86 -22.40
N ALA A 27 6.76 30.50 -22.39
CA ALA A 27 6.38 29.10 -22.52
C ALA A 27 6.75 28.56 -23.89
N ASN A 28 6.39 29.29 -24.97
CA ASN A 28 6.75 28.84 -26.31
C ASN A 28 8.26 28.74 -26.49
N LEU A 29 8.99 29.69 -25.90
CA LEU A 29 10.46 29.64 -25.97
C LEU A 29 10.99 28.31 -25.44
N PHE A 30 10.37 27.76 -24.40
CA PHE A 30 10.87 26.49 -23.87
C PHE A 30 10.44 25.31 -24.75
N ASP A 31 9.24 25.36 -25.31
CA ASP A 31 8.79 24.33 -26.27
C ASP A 31 9.78 24.15 -27.41
N SER A 32 10.11 25.24 -28.09
CA SER A 32 11.01 25.27 -29.24
C SER A 32 12.41 24.83 -28.91
N ASN A 33 12.64 24.29 -27.71
CA ASN A 33 13.83 23.54 -27.31
C ASN A 33 15.10 24.00 -28.00
N GLU A 34 15.20 25.30 -28.27
CA GLU A 34 16.40 25.90 -28.83
C GLU A 34 17.26 26.54 -27.75
N VAL A 35 17.00 26.23 -26.49
CA VAL A 35 17.56 26.94 -25.35
C VAL A 35 18.38 25.97 -24.51
N GLU A 36 19.65 26.30 -24.27
CA GLU A 36 20.52 25.43 -23.48
C GLU A 36 20.01 25.34 -22.05
N LEU A 37 20.25 24.19 -21.42
CA LEU A 37 19.69 23.94 -20.09
C LEU A 37 20.16 24.97 -19.07
N GLU A 38 21.38 25.49 -19.22
CA GLU A 38 21.83 26.51 -18.28
C GLU A 38 21.14 27.85 -18.53
N GLU A 39 21.02 28.24 -19.81
CA GLU A 39 20.28 29.45 -20.14
C GLU A 39 18.81 29.33 -19.74
N ARG A 40 18.21 28.17 -19.99
CA ARG A 40 16.83 27.90 -19.57
C ARG A 40 16.63 28.18 -18.10
N SER A 41 17.59 27.75 -17.27
CA SER A 41 17.48 27.94 -15.84
C SER A 41 17.52 29.42 -15.47
N VAL A 42 18.29 30.23 -16.21
CA VAL A 42 18.38 31.66 -15.91
C VAL A 42 17.12 32.38 -16.37
N ILE A 43 16.59 32.02 -17.53
CA ILE A 43 15.31 32.57 -17.98
C ILE A 43 14.21 32.25 -16.96
N CYS A 44 14.19 31.02 -16.44
CA CYS A 44 13.19 30.68 -15.44
C CYS A 44 13.27 31.62 -14.24
N GLY A 45 14.49 31.96 -13.82
CA GLY A 45 14.66 32.87 -12.69
C GLY A 45 14.21 34.28 -12.99
N ASN A 46 14.59 34.81 -14.16
CA ASN A 46 14.12 36.15 -14.52
C ASN A 46 12.61 36.19 -14.56
N ALA A 47 11.98 35.18 -15.16
CA ALA A 47 10.52 35.19 -15.29
C ALA A 47 9.83 35.15 -13.94
N LEU A 48 10.42 34.46 -12.96
CA LEU A 48 9.85 34.47 -11.62
C LEU A 48 9.80 35.88 -11.06
N GLU A 49 10.83 36.68 -11.32
CA GLU A 49 10.80 38.05 -10.81
C GLU A 49 9.64 38.84 -11.39
N GLU A 50 9.17 38.48 -12.58
CA GLU A 50 7.99 39.13 -13.13
C GLU A 50 6.72 38.84 -12.34
N THR A 51 6.78 37.94 -11.37
CA THR A 51 5.60 37.65 -10.56
C THR A 51 5.52 38.52 -9.30
N ARG A 52 6.56 39.29 -8.97
CA ARG A 52 6.60 40.01 -7.70
C ARG A 52 5.44 40.99 -7.55
N GLY A 53 4.75 40.94 -6.42
CA GLY A 53 3.54 41.73 -6.22
C GLY A 53 2.29 41.17 -6.85
N ARG A 54 2.37 40.11 -7.64
CA ARG A 54 1.22 39.53 -8.32
C ARG A 54 1.18 38.02 -8.14
N GLU A 55 1.77 37.52 -7.05
CA GLU A 55 1.94 36.08 -6.88
C GLU A 55 0.60 35.36 -6.92
N TYR A 56 -0.37 35.85 -6.15
CA TYR A 56 -1.68 35.20 -6.13
C TYR A 56 -2.36 35.26 -7.48
N GLU A 57 -2.24 36.38 -8.19
CA GLU A 57 -2.95 36.53 -9.46
C GLU A 57 -2.35 35.65 -10.52
N ILE A 58 -1.02 35.60 -10.59
CA ILE A 58 -0.36 34.75 -11.57
C ILE A 58 -0.60 33.28 -11.23
N ALA A 59 -0.41 32.90 -9.96
CA ALA A 59 -0.44 31.49 -9.60
C ALA A 59 -1.84 30.90 -9.73
N THR A 60 -2.89 31.68 -9.53
CA THR A 60 -4.24 31.14 -9.60
C THR A 60 -4.90 31.35 -10.96
N ASP A 61 -4.17 31.91 -11.92
CA ASP A 61 -4.72 32.03 -13.26
C ASP A 61 -4.84 30.65 -13.91
N TYR A 62 -6.00 30.35 -14.50
CA TYR A 62 -6.21 29.01 -15.03
C TYR A 62 -5.20 28.67 -16.13
N ILE A 63 -4.68 29.65 -16.84
CA ILE A 63 -3.73 29.41 -17.92
C ILE A 63 -2.28 29.62 -17.46
N ILE A 64 -1.98 30.78 -16.87
CA ILE A 64 -0.59 31.10 -16.57
C ILE A 64 -0.01 30.24 -15.45
N SER A 65 -0.85 29.66 -14.60
CA SER A 65 -0.33 28.82 -13.54
C SER A 65 0.53 27.69 -14.10
N HIS A 66 0.12 27.15 -15.26
CA HIS A 66 0.90 26.07 -15.84
C HIS A 66 2.29 26.54 -16.25
N VAL A 67 2.40 27.78 -16.73
CA VAL A 67 3.73 28.32 -17.01
C VAL A 67 4.51 28.49 -15.72
N LEU A 68 3.87 29.04 -14.69
CA LEU A 68 4.56 29.25 -13.43
C LEU A 68 5.07 27.95 -12.83
N GLN A 69 4.37 26.84 -13.07
CA GLN A 69 4.90 25.53 -12.68
C GLN A 69 6.21 25.24 -13.41
N THR A 70 6.23 25.49 -14.72
CA THR A 70 7.44 25.25 -15.51
C THR A 70 8.61 26.09 -14.99
N LEU A 71 8.34 27.36 -14.63
CA LEU A 71 9.39 28.22 -14.12
C LEU A 71 9.96 27.70 -12.80
N LEU A 72 9.07 27.27 -11.88
CA LEU A 72 9.52 26.83 -10.57
C LEU A 72 10.34 25.56 -10.66
N GLU A 73 9.98 24.68 -11.58
CA GLU A 73 10.68 23.41 -11.72
C GLU A 73 11.97 23.53 -12.52
N GLY A 74 12.23 24.67 -13.14
CA GLY A 74 13.38 24.86 -14.00
C GLY A 74 14.36 25.93 -13.56
N CYS A 75 14.09 26.56 -12.41
CA CYS A 75 14.94 27.62 -11.90
C CYS A 75 15.93 27.08 -10.89
N GLU A 76 16.84 27.94 -10.47
CA GLU A 76 17.83 27.59 -9.46
C GLU A 76 17.29 27.83 -8.06
N LEU A 77 17.98 27.25 -7.08
CA LEU A 77 17.50 27.27 -5.70
C LEU A 77 17.27 28.70 -5.20
N ASP A 78 18.17 29.62 -5.53
CA ASP A 78 18.05 30.96 -4.97
C ASP A 78 16.78 31.65 -5.44
N GLN A 79 16.41 31.48 -6.70
CA GLN A 79 15.23 32.18 -7.21
C GLN A 79 13.94 31.51 -6.74
N LEU A 80 13.96 30.17 -6.64
CA LEU A 80 12.90 29.43 -5.98
C LEU A 80 12.62 29.98 -4.59
N CYS A 81 13.66 30.05 -3.76
CA CYS A 81 13.50 30.56 -2.39
C CYS A 81 12.99 31.99 -2.39
N SER A 82 13.45 32.79 -3.35
CA SER A 82 12.98 34.16 -3.43
C SER A 82 11.49 34.20 -3.78
N PHE A 83 11.04 33.31 -4.67
CA PHE A 83 9.63 33.27 -4.99
C PHE A 83 8.81 32.83 -3.80
N ILE A 84 9.33 31.87 -3.03
CA ILE A 84 8.60 31.33 -1.89
C ILE A 84 8.49 32.39 -0.80
N ARG A 85 9.56 33.16 -0.61
CA ARG A 85 9.56 34.18 0.43
C ARG A 85 8.64 35.34 0.05
N ASN A 86 8.62 35.72 -1.23
CA ASN A 86 7.80 36.83 -1.66
C ASN A 86 6.34 36.46 -1.77
N SER A 87 6.02 35.17 -1.86
CA SER A 87 4.65 34.73 -1.99
C SER A 87 4.07 34.17 -0.69
N ALA A 88 4.86 34.12 0.39
CA ALA A 88 4.42 33.41 1.59
C ALA A 88 3.12 33.98 2.15
N SER A 89 2.95 35.29 2.10
CA SER A 89 1.81 35.90 2.77
C SER A 89 0.50 35.63 2.04
N VAL A 90 0.56 35.09 0.82
CA VAL A 90 -0.61 34.65 0.07
C VAL A 90 -0.57 33.15 -0.17
N PHE A 91 0.42 32.47 0.41
CA PHE A 91 0.59 31.05 0.13
C PHE A 91 -0.62 30.20 0.51
N PRO A 92 -1.29 30.40 1.65
CA PRO A 92 -2.49 29.59 1.89
C PRO A 92 -3.57 29.83 0.84
N ALA A 93 -3.68 31.06 0.33
CA ALA A 93 -4.68 31.34 -0.70
C ALA A 93 -4.31 30.69 -2.02
N ILE A 94 -3.03 30.71 -2.37
CA ILE A 94 -2.58 29.99 -3.55
C ILE A 94 -2.86 28.51 -3.40
N ALA A 95 -2.56 27.96 -2.22
CA ALA A 95 -2.63 26.53 -2.00
C ALA A 95 -4.06 26.00 -1.99
N MET A 96 -5.05 26.82 -1.67
CA MET A 96 -6.43 26.38 -1.65
C MET A 96 -7.14 26.64 -2.95
N ASP A 97 -6.42 27.17 -3.94
CA ASP A 97 -6.97 27.41 -5.28
C ASP A 97 -6.79 26.20 -6.18
N ARG A 98 -7.77 25.96 -7.05
CA ARG A 98 -7.77 24.73 -7.85
C ARG A 98 -6.62 24.69 -8.84
N SER A 99 -6.17 25.85 -9.33
CA SER A 99 -4.95 25.90 -10.13
C SER A 99 -3.72 26.23 -9.29
N GLY A 100 -3.85 27.18 -8.35
CA GLY A 100 -2.71 27.60 -7.57
C GLY A 100 -2.11 26.50 -6.73
N SER A 101 -2.91 25.50 -6.34
CA SER A 101 -2.36 24.44 -5.51
C SER A 101 -1.30 23.63 -6.25
N HIS A 102 -1.40 23.54 -7.57
CA HIS A 102 -0.37 22.86 -8.35
C HIS A 102 0.89 23.72 -8.43
N VAL A 103 0.72 25.05 -8.51
CA VAL A 103 1.84 25.97 -8.41
C VAL A 103 2.56 25.80 -7.08
N ALA A 104 1.80 25.82 -5.97
CA ALA A 104 2.39 25.59 -4.65
C ALA A 104 3.13 24.26 -4.59
N GLU A 105 2.54 23.19 -5.16
CA GLU A 105 3.21 21.88 -5.13
C GLU A 105 4.45 21.85 -6.03
N SER A 106 4.44 22.57 -7.14
CA SER A 106 5.64 22.71 -7.94
C SER A 106 6.78 23.36 -7.16
N ALA A 107 6.45 24.36 -6.34
CA ALA A 107 7.47 24.99 -5.48
C ALA A 107 8.07 23.98 -4.52
N LEU A 108 7.25 23.07 -4.00
CA LEU A 108 7.77 22.08 -3.06
C LEU A 108 8.58 21.01 -3.78
N LYS A 109 8.09 20.49 -4.92
CA LYS A 109 8.86 19.49 -5.63
C LYS A 109 10.21 20.05 -6.04
N SER A 110 10.23 21.32 -6.44
CA SER A 110 11.45 22.01 -6.81
C SER A 110 12.42 22.08 -5.63
N LEU A 111 11.94 22.62 -4.50
CA LEU A 111 12.70 22.59 -3.26
C LEU A 111 13.25 21.21 -2.98
N ALA A 112 12.40 20.18 -3.12
CA ALA A 112 12.81 18.82 -2.79
C ALA A 112 13.95 18.30 -3.67
N THR A 113 14.14 18.86 -4.88
CA THR A 113 15.24 18.41 -5.73
C THR A 113 16.60 18.81 -5.16
N HIS A 114 16.64 19.69 -4.17
CA HIS A 114 17.86 20.14 -3.53
C HIS A 114 18.15 19.44 -2.21
N LEU A 115 17.26 18.54 -1.76
CA LEU A 115 17.46 17.88 -0.46
C LEU A 115 18.81 17.19 -0.36
N GLU A 116 19.28 16.57 -1.42
CA GLU A 116 20.55 15.86 -1.36
C GLU A 116 21.74 16.82 -1.39
N ASN A 117 21.54 18.12 -1.53
CA ASN A 117 22.65 19.06 -1.56
C ASN A 117 22.87 19.64 -0.18
N PRO A 118 23.94 19.25 0.52
CA PRO A 118 24.12 19.74 1.90
C PRO A 118 24.37 21.23 1.97
N ASP A 119 24.85 21.85 0.91
CA ASP A 119 25.01 23.30 0.94
C ASP A 119 23.68 24.03 1.03
N ALA A 120 22.58 23.37 0.67
CA ALA A 120 21.27 24.01 0.57
C ALA A 120 20.46 23.92 1.86
N TYR A 121 20.97 23.24 2.88
CA TYR A 121 20.14 22.87 4.03
C TYR A 121 19.44 24.08 4.62
N SER A 122 20.21 25.12 4.98
CA SER A 122 19.64 26.23 5.72
C SER A 122 18.73 27.09 4.85
N VAL A 123 19.01 27.16 3.55
CA VAL A 123 18.21 28.01 2.69
C VAL A 123 16.86 27.35 2.38
N ILE A 124 16.84 26.02 2.28
CA ILE A 124 15.57 25.31 2.18
C ILE A 124 14.77 25.48 3.46
N GLU A 125 15.44 25.39 4.61
CA GLU A 125 14.73 25.46 5.87
C GLU A 125 14.07 26.82 6.05
N GLU A 126 14.77 27.87 5.62
CA GLU A 126 14.18 29.20 5.67
C GLU A 126 12.93 29.31 4.79
N ALA A 127 12.94 28.65 3.62
CA ALA A 127 11.76 28.72 2.76
C ALA A 127 10.59 27.97 3.39
N LEU A 128 10.86 26.81 4.00
CA LEU A 128 9.82 26.06 4.70
C LEU A 128 9.28 26.84 5.88
N HIS A 129 10.15 27.59 6.56
CA HIS A 129 9.67 28.37 7.70
C HIS A 129 8.71 29.46 7.26
N SER A 130 9.02 30.15 6.15
CA SER A 130 8.09 31.11 5.59
C SER A 130 6.73 30.50 5.37
N ILE A 131 6.71 29.30 4.82
CA ILE A 131 5.45 28.66 4.48
C ILE A 131 4.74 28.17 5.74
N CYS A 132 5.45 27.44 6.60
CA CYS A 132 4.83 26.89 7.81
C CYS A 132 4.29 28.00 8.72
N LYS A 133 4.98 29.14 8.79
CA LYS A 133 4.56 30.20 9.68
C LYS A 133 3.22 30.78 9.27
N VAL A 134 3.01 30.99 7.97
CA VAL A 134 1.74 31.57 7.55
C VAL A 134 0.64 30.52 7.58
N ILE A 135 0.98 29.23 7.47
CA ILE A 135 -0.01 28.17 7.59
C ILE A 135 -0.42 27.96 9.04
N VAL A 136 0.55 27.90 9.95
CA VAL A 136 0.26 27.65 11.35
C VAL A 136 -0.61 28.76 11.94
N ASP A 137 -0.52 29.97 11.37
CA ASP A 137 -1.34 31.07 11.87
C ASP A 137 -2.83 30.84 11.69
N ASN A 138 -3.24 30.11 10.62
CA ASN A 138 -4.64 29.84 10.34
C ASN A 138 -4.78 28.56 9.50
N PRO A 139 -4.65 27.38 10.10
CA PRO A 139 -4.51 26.16 9.29
C PRO A 139 -5.79 25.38 8.97
N LEU A 140 -6.92 25.65 9.62
CA LEU A 140 -7.98 24.67 9.66
C LEU A 140 -8.76 24.58 8.35
N ASP A 141 -8.95 25.72 7.67
CA ASP A 141 -9.64 25.66 6.38
C ASP A 141 -8.75 25.06 5.30
N MET A 142 -7.46 25.33 5.37
CA MET A 142 -6.54 24.73 4.42
C MET A 142 -6.44 23.22 4.63
N MET A 143 -6.49 22.79 5.90
CA MET A 143 -6.48 21.36 6.18
C MET A 143 -7.67 20.66 5.55
N CYS A 144 -8.83 21.31 5.54
CA CYS A 144 -10.08 20.75 5.06
C CYS A 144 -10.36 21.09 3.60
N ASN A 145 -9.52 21.90 2.99
CA ASN A 145 -9.73 22.28 1.60
C ASN A 145 -9.23 21.15 0.70
N CYS A 146 -9.99 20.83 -0.35
CA CYS A 146 -9.60 19.70 -1.19
C CYS A 146 -8.27 19.92 -1.90
N TYR A 147 -7.94 21.16 -2.27
CA TYR A 147 -6.65 21.40 -2.90
C TYR A 147 -5.55 21.63 -1.89
N GLY A 148 -5.84 22.42 -0.85
CA GLY A 148 -4.84 22.72 0.15
C GLY A 148 -4.39 21.50 0.91
N SER A 149 -5.27 20.52 1.05
CA SER A 149 -4.91 19.28 1.71
C SER A 149 -3.80 18.54 0.96
N HIS A 150 -3.79 18.62 -0.38
CA HIS A 150 -2.68 18.03 -1.14
C HIS A 150 -1.39 18.79 -0.90
N VAL A 151 -1.49 20.11 -0.76
CA VAL A 151 -0.31 20.92 -0.52
C VAL A 151 0.26 20.62 0.87
N LEU A 152 -0.61 20.45 1.86
CA LEU A 152 -0.14 20.16 3.22
C LEU A 152 0.55 18.81 3.28
N ARG A 153 -0.01 17.80 2.62
CA ARG A 153 0.61 16.47 2.59
C ARG A 153 2.01 16.52 2.01
N ARG A 154 2.17 17.23 0.89
CA ARG A 154 3.47 17.36 0.26
C ARG A 154 4.42 18.15 1.17
N LEU A 155 3.92 19.22 1.80
CA LEU A 155 4.76 20.00 2.71
C LEU A 155 5.25 19.16 3.88
N LEU A 156 4.33 18.40 4.48
CA LEU A 156 4.72 17.49 5.55
C LEU A 156 5.80 16.50 5.08
N CYS A 157 5.65 15.94 3.88
CA CYS A 157 6.68 15.01 3.39
C CYS A 157 8.01 15.71 3.23
N LEU A 158 8.02 16.92 2.70
CA LEU A 158 9.26 17.65 2.50
C LEU A 158 9.96 17.91 3.84
N CYS A 159 9.21 18.39 4.84
CA CYS A 159 9.79 18.61 6.16
C CYS A 159 10.45 17.35 6.72
N LYS A 160 9.91 16.18 6.40
CA LYS A 160 10.45 14.90 6.81
C LYS A 160 11.65 14.50 5.96
N GLY A 161 11.94 15.24 4.89
CA GLY A 161 13.02 14.91 3.99
C GLY A 161 12.65 13.92 2.93
N VAL A 162 11.37 13.60 2.81
CA VAL A 162 10.89 12.70 1.77
C VAL A 162 10.58 13.54 0.54
N SER A 163 11.29 13.26 -0.55
CA SER A 163 11.02 13.90 -1.84
C SER A 163 10.23 13.00 -2.78
N LEU A 164 10.42 11.69 -2.67
CA LEU A 164 9.87 10.73 -3.62
C LEU A 164 8.43 10.37 -3.23
N ASP A 165 7.51 10.58 -4.17
CA ASP A 165 6.10 10.33 -3.88
C ASP A 165 5.86 8.85 -3.59
N SER A 166 5.02 8.60 -2.60
CA SER A 166 4.63 7.26 -2.20
C SER A 166 3.11 7.24 -2.05
N PRO A 167 2.40 6.41 -2.81
CA PRO A 167 0.95 6.24 -2.54
C PRO A 167 0.62 6.03 -1.08
N GLU A 168 1.42 5.23 -0.37
CA GLU A 168 1.17 4.97 1.05
C GLU A 168 1.08 6.27 1.84
N LEU A 169 2.00 7.21 1.60
CA LEU A 169 2.06 8.44 2.37
C LEU A 169 0.93 9.42 2.06
N TYR A 170 0.11 9.21 1.03
CA TYR A 170 -0.74 10.29 0.52
C TYR A 170 -2.27 10.14 0.60
N GLY A 171 -2.88 9.10 1.15
CA GLY A 171 -2.42 7.76 1.42
C GLY A 171 -3.39 6.90 0.63
N ALA A 172 -2.90 6.39 -0.49
CA ALA A 172 -3.64 5.48 -1.33
C ALA A 172 -3.37 4.04 -0.91
N LYS A 173 -4.25 3.15 -1.33
CA LYS A 173 -4.01 1.72 -1.21
C LYS A 173 -2.91 1.29 -2.18
N SER A 174 -2.13 0.30 -1.78
CA SER A 174 -1.09 -0.23 -2.64
C SER A 174 -0.82 -1.68 -2.27
N SER A 175 -0.28 -2.42 -3.24
CA SER A 175 -0.02 -3.84 -2.99
C SER A 175 1.10 -4.03 -1.97
N LYS A 176 2.05 -3.09 -1.90
CA LYS A 176 3.06 -3.15 -0.84
C LYS A 176 2.42 -3.05 0.54
N ALA A 177 1.41 -2.20 0.67
CA ALA A 177 0.76 -2.03 1.96
C ALA A 177 -0.09 -3.24 2.31
N LEU A 178 -0.91 -3.70 1.36
CA LEU A 178 -1.68 -4.93 1.59
C LEU A 178 -0.76 -6.08 1.95
N ALA A 179 0.30 -6.30 1.18
CA ALA A 179 1.26 -7.34 1.49
C ALA A 179 1.89 -7.12 2.86
N LYS A 180 2.12 -5.84 3.23
CA LYS A 180 2.68 -5.55 4.54
C LYS A 180 1.68 -5.83 5.65
N ARG A 181 0.43 -5.36 5.50
CA ARG A 181 -0.61 -5.66 6.47
C ARG A 181 -0.77 -7.17 6.68
N LEU A 182 -0.45 -7.99 5.68
CA LEU A 182 -0.62 -9.44 5.77
C LEU A 182 0.67 -10.19 6.00
N ASN A 183 1.79 -9.48 6.15
CA ASN A 183 3.05 -10.13 6.51
C ASN A 183 3.53 -11.06 5.39
N LEU A 184 3.53 -10.54 4.16
CA LEU A 184 4.09 -11.27 3.00
C LEU A 184 5.16 -10.42 2.30
N PRO A 197 18.38 7.87 3.79
CA PRO A 197 17.14 8.53 4.22
C PRO A 197 17.39 9.92 4.79
N HIS A 198 17.14 10.97 3.98
CA HIS A 198 17.52 12.33 4.37
C HIS A 198 17.01 12.68 5.77
N GLN A 199 17.82 13.43 6.53
CA GLN A 199 17.43 13.81 7.88
C GLN A 199 16.12 14.58 7.88
N GLY A 200 15.89 15.41 6.87
CA GLY A 200 14.75 16.30 6.83
C GLY A 200 14.99 17.52 7.69
N PHE A 201 13.88 18.12 8.12
CA PHE A 201 13.88 19.33 8.95
C PHE A 201 13.01 19.02 10.16
N PRO A 202 13.52 18.22 11.11
CA PRO A 202 12.64 17.65 12.13
C PRO A 202 11.92 18.67 12.99
N GLY A 203 12.58 19.77 13.33
CA GLY A 203 11.90 20.82 14.07
C GLY A 203 10.89 21.60 13.25
N MET A 204 11.07 21.63 11.92
CA MET A 204 10.04 22.20 11.07
C MET A 204 8.85 21.27 10.98
N LEU A 205 9.10 19.95 10.90
CA LEU A 205 8.00 19.00 10.87
C LEU A 205 7.17 19.09 12.15
N THR A 206 7.84 19.04 13.31
CA THR A 206 7.18 19.20 14.60
C THR A 206 6.43 20.52 14.70
N TYR A 207 7.06 21.61 14.23
CA TYR A 207 6.45 22.93 14.36
C TYR A 207 5.18 23.01 13.53
N LEU A 208 5.24 22.58 12.27
CA LEU A 208 4.06 22.61 11.42
C LEU A 208 2.96 21.72 11.97
N LEU A 209 3.31 20.48 12.32
CA LEU A 209 2.27 19.53 12.73
C LEU A 209 1.68 19.92 14.08
N SER A 210 2.46 20.52 14.97
CA SER A 210 1.86 21.07 16.18
C SER A 210 0.91 22.21 15.86
N GLY A 211 1.24 23.01 14.87
CA GLY A 211 0.33 24.07 14.45
C GLY A 211 -0.98 23.54 13.92
N LEU A 212 -0.93 22.42 13.18
CA LEU A 212 -2.16 21.83 12.65
C LEU A 212 -3.03 21.22 13.74
N LEU A 213 -2.47 20.98 14.93
CA LEU A 213 -3.17 20.23 15.96
C LEU A 213 -3.56 21.10 17.14
N SER A 214 -3.28 22.39 17.11
CA SER A 214 -3.59 23.27 18.24
C SER A 214 -4.93 23.96 18.02
N CYS A 215 -5.96 23.14 17.94
CA CYS A 215 -7.32 23.61 17.91
C CYS A 215 -8.05 23.02 19.10
N SER A 216 -9.28 23.47 19.31
CA SER A 216 -10.07 22.99 20.40
C SER A 216 -10.37 21.50 20.21
N ARG A 217 -10.73 20.84 21.30
CA ARG A 217 -11.13 19.44 21.17
C ARG A 217 -12.36 19.32 20.28
N GLU A 218 -13.19 20.35 20.23
CA GLU A 218 -14.40 20.30 19.41
C GLU A 218 -14.11 20.52 17.93
N ASP A 219 -13.15 21.41 17.59
CA ASP A 219 -12.64 21.48 16.22
C ASP A 219 -12.02 20.15 15.81
N MET A 220 -11.19 19.57 16.70
CA MET A 220 -10.56 18.29 16.42
C MET A 220 -11.58 17.20 16.13
N LYS A 221 -12.74 17.26 16.79
CA LYS A 221 -13.78 16.29 16.52
C LYS A 221 -14.22 16.36 15.06
N TYR A 222 -14.33 17.59 14.52
CA TYR A 222 -14.72 17.73 13.13
C TYR A 222 -13.57 17.35 12.18
N LEU A 223 -12.32 17.59 12.58
CA LEU A 223 -11.18 17.18 11.76
C LEU A 223 -11.11 15.67 11.59
N GLN A 224 -11.49 14.92 12.63
CA GLN A 224 -11.53 13.46 12.59
C GLN A 224 -12.39 12.93 11.47
N VAL A 225 -13.33 13.75 11.00
CA VAL A 225 -14.46 13.27 10.21
C VAL A 225 -14.56 13.97 8.87
N ASP A 226 -13.72 14.97 8.64
CA ASP A 226 -13.58 15.60 7.34
C ASP A 226 -12.54 14.84 6.52
N GLN A 227 -12.92 14.43 5.31
CA GLN A 227 -12.05 13.64 4.45
C GLN A 227 -10.70 14.29 4.27
N TYR A 228 -10.68 15.58 3.95
CA TYR A 228 -9.42 16.19 3.55
C TYR A 228 -8.50 16.41 4.74
N SER A 229 -9.05 16.76 5.91
CA SER A 229 -8.19 16.91 7.08
C SER A 229 -7.75 15.55 7.61
N SER A 230 -8.61 14.54 7.52
CA SER A 230 -8.21 13.19 7.87
C SER A 230 -7.02 12.73 7.02
N LEU A 231 -7.03 13.07 5.75
CA LEU A 231 -5.91 12.70 4.87
C LEU A 231 -4.61 13.38 5.30
N VAL A 232 -4.67 14.65 5.69
CA VAL A 232 -3.48 15.35 6.14
C VAL A 232 -2.89 14.65 7.37
N LEU A 233 -3.74 14.36 8.35
CA LEU A 233 -3.29 13.71 9.58
C LEU A 233 -2.79 12.29 9.33
N GLN A 234 -3.40 11.56 8.39
CA GLN A 234 -2.86 10.27 8.01
C GLN A 234 -1.42 10.41 7.55
N THR A 235 -1.17 11.35 6.65
CA THR A 235 0.20 11.57 6.15
C THR A 235 1.16 11.87 7.29
N ALA A 236 0.77 12.80 8.18
CA ALA A 236 1.63 13.19 9.29
C ALA A 236 1.92 12.01 10.23
N LEU A 237 0.92 11.19 10.51
CA LEU A 237 1.13 10.02 11.35
C LEU A 237 2.17 9.10 10.73
N ARG A 238 2.04 8.81 9.43
CA ARG A 238 3.00 7.92 8.77
C ARG A 238 4.41 8.50 8.78
N LEU A 239 4.56 9.82 8.65
CA LEU A 239 5.91 10.40 8.68
C LEU A 239 6.54 10.31 10.07
N MET A 240 5.74 10.18 11.12
CA MET A 240 6.23 10.06 12.48
C MET A 240 6.42 8.60 12.92
N LEU A 241 6.29 7.64 12.00
CA LEU A 241 6.52 6.23 12.32
C LEU A 241 7.79 6.08 13.14
N LYS A 242 7.67 5.37 14.26
CA LYS A 242 8.78 5.02 15.16
C LYS A 242 9.36 6.22 15.93
N GLN A 243 8.66 7.35 15.95
CA GLN A 243 9.04 8.51 16.76
C GLN A 243 8.14 8.54 17.99
N ASP A 244 8.39 7.58 18.88
CA ASP A 244 7.43 7.29 19.93
C ASP A 244 7.11 8.51 20.76
N GLU A 245 8.12 9.34 21.05
CA GLU A 245 7.87 10.52 21.90
C GLU A 245 6.94 11.50 21.20
N GLN A 246 7.02 11.61 19.88
CA GLN A 246 6.12 12.49 19.16
C GLN A 246 4.76 11.83 18.99
N LEU A 247 4.75 10.53 18.71
CA LEU A 247 3.48 9.82 18.55
C LEU A 247 2.65 9.88 19.83
N LEU A 248 3.32 9.87 20.98
CA LEU A 248 2.65 9.89 22.28
C LEU A 248 2.15 11.28 22.64
N GLU A 249 2.59 12.32 21.94
CA GLU A 249 2.01 13.65 22.07
C GLU A 249 0.91 13.88 21.04
N ILE A 250 1.13 13.37 19.83
CA ILE A 250 0.29 13.67 18.68
C ILE A 250 -1.02 12.91 18.76
N ILE A 251 -0.94 11.58 18.85
CA ILE A 251 -2.14 10.75 18.79
C ILE A 251 -3.18 11.13 19.85
N PRO A 252 -2.82 11.36 21.13
CA PRO A 252 -3.86 11.76 22.10
C PRO A 252 -4.57 13.07 21.75
N LEU A 253 -3.86 14.03 21.16
CA LEU A 253 -4.55 15.22 20.67
C LEU A 253 -5.57 14.87 19.59
N ILE A 254 -5.22 13.97 18.67
CA ILE A 254 -6.10 13.65 17.57
C ILE A 254 -7.32 12.87 18.07
N LEU A 255 -7.13 12.00 19.07
CA LEU A 255 -8.22 11.24 19.65
C LEU A 255 -8.96 12.00 20.75
N ARG A 256 -8.49 13.19 21.13
CA ARG A 256 -9.14 14.06 22.12
C ARG A 256 -9.05 13.46 23.53
N CYS A 257 -7.85 12.96 23.87
CA CYS A 257 -7.60 12.36 25.17
C CYS A 257 -6.82 13.23 26.13
N ASN A 258 -6.16 14.29 25.65
CA ASN A 258 -5.18 15.00 26.48
C ASN A 258 -5.84 15.78 27.62
N GLY A 266 0.97 9.80 31.72
CA GLY A 266 0.44 8.53 31.25
C GLY A 266 -0.76 8.62 30.31
N PHE A 267 -0.77 7.80 29.26
CA PHE A 267 -1.82 7.84 28.25
C PHE A 267 -3.02 6.98 28.65
N HIS A 268 -4.19 7.60 28.74
CA HIS A 268 -5.39 6.96 29.24
C HIS A 268 -6.58 7.46 28.42
N ILE A 269 -7.45 6.54 28.01
CA ILE A 269 -8.69 6.91 27.33
C ILE A 269 -9.81 6.85 28.37
N GLU A 270 -10.38 8.01 28.71
CA GLU A 270 -11.54 8.03 29.59
C GLU A 270 -12.74 7.39 28.91
N THR A 271 -13.63 6.85 29.75
CA THR A 271 -14.79 6.08 29.31
C THR A 271 -15.67 6.85 28.32
N ASN A 272 -15.93 8.13 28.57
CA ASN A 272 -16.77 8.87 27.64
C ASN A 272 -16.07 9.13 26.31
N VAL A 273 -14.76 9.42 26.36
CA VAL A 273 -14.02 9.63 25.12
C VAL A 273 -13.95 8.35 24.32
N ALA A 274 -13.73 7.20 25.00
CA ALA A 274 -13.70 5.92 24.29
C ALA A 274 -15.03 5.65 23.60
N LYS A 275 -16.13 6.01 24.24
CA LYS A 275 -17.43 5.84 23.59
C LYS A 275 -17.50 6.70 22.33
N GLU A 276 -17.01 7.94 22.41
CA GLU A 276 -17.08 8.83 21.24
C GLU A 276 -16.22 8.33 20.10
N ILE A 277 -15.01 7.84 20.42
CA ILE A 277 -14.14 7.26 19.39
C ILE A 277 -14.82 6.05 18.74
N LEU A 278 -15.37 5.16 19.56
CA LEU A 278 -16.11 4.03 19.05
C LEU A 278 -17.28 4.46 18.15
N GLU A 279 -18.04 5.48 18.57
CA GLU A 279 -19.18 5.92 17.75
C GLU A 279 -18.73 6.46 16.40
N SER A 280 -17.59 7.15 16.35
CA SER A 280 -17.11 7.69 15.09
C SER A 280 -16.45 6.64 14.19
N MET A 281 -16.28 5.41 14.69
CA MET A 281 -15.46 4.42 14.00
C MET A 281 -16.05 3.98 12.66
N LYS A 282 -17.36 4.10 12.47
CA LYS A 282 -17.99 3.71 11.21
C LYS A 282 -17.99 4.83 10.20
N ASP A 283 -17.37 5.95 10.51
CA ASP A 283 -17.25 7.04 9.55
C ASP A 283 -16.13 6.75 8.56
N ASN A 284 -16.37 7.07 7.28
CA ASN A 284 -15.36 6.77 6.29
C ASN A 284 -14.05 7.52 6.52
N SER A 285 -14.13 8.81 6.90
CA SER A 285 -12.89 9.55 7.08
C SER A 285 -12.17 9.13 8.35
N PHE A 286 -12.90 9.02 9.46
CA PHE A 286 -12.23 8.67 10.70
C PHE A 286 -11.67 7.26 10.62
N SER A 287 -12.37 6.36 9.95
CA SER A 287 -11.90 4.97 9.89
C SER A 287 -10.55 4.90 9.21
N HIS A 288 -10.37 5.68 8.14
CA HIS A 288 -9.05 5.75 7.52
C HIS A 288 -8.00 6.29 8.48
N LEU A 289 -8.37 7.28 9.30
CA LEU A 289 -7.39 7.86 10.22
C LEU A 289 -6.98 6.87 11.30
N VAL A 290 -7.95 6.16 11.89
CA VAL A 290 -7.61 5.24 12.97
C VAL A 290 -6.83 4.04 12.43
N GLU A 291 -7.05 3.66 11.17
CA GLU A 291 -6.18 2.68 10.52
C GLU A 291 -4.71 3.07 10.69
N VAL A 292 -4.39 4.34 10.43
CA VAL A 292 -3.00 4.78 10.50
C VAL A 292 -2.53 4.85 11.94
N ILE A 293 -3.36 5.44 12.81
CA ILE A 293 -3.07 5.47 14.25
C ILE A 293 -2.67 4.08 14.76
N LEU A 294 -3.46 3.06 14.42
CA LEU A 294 -3.13 1.70 14.89
C LEU A 294 -1.82 1.19 14.32
N GLU A 295 -1.49 1.54 13.08
CA GLU A 295 -0.25 1.10 12.45
C GLU A 295 0.97 1.68 13.14
N VAL A 296 0.91 2.96 13.52
CA VAL A 296 2.08 3.65 14.07
C VAL A 296 2.06 3.70 15.59
N ALA A 297 0.94 3.33 16.21
CA ALA A 297 0.80 3.47 17.66
C ALA A 297 1.91 2.72 18.39
N PRO A 298 2.64 3.39 19.28
CA PRO A 298 3.53 2.66 20.20
C PRO A 298 2.76 1.66 21.05
N GLU A 299 3.50 0.69 21.59
CA GLU A 299 2.88 -0.45 22.26
C GLU A 299 1.84 -0.03 23.29
N SER A 300 2.26 0.82 24.25
CA SER A 300 1.39 1.17 25.36
C SER A 300 0.11 1.83 24.87
N LEU A 301 0.22 2.63 23.81
CA LEU A 301 -0.95 3.33 23.28
C LEU A 301 -1.86 2.36 22.53
N TYR A 302 -1.29 1.42 21.78
CA TYR A 302 -2.06 0.37 21.15
C TYR A 302 -2.86 -0.42 22.18
N ASN A 303 -2.21 -0.87 23.26
CA ASN A 303 -2.90 -1.69 24.26
C ASN A 303 -4.08 -0.94 24.86
N GLU A 304 -3.90 0.35 25.17
CA GLU A 304 -4.99 1.14 25.73
C GLU A 304 -6.15 1.24 24.74
N MET A 305 -5.85 1.41 23.45
CA MET A 305 -6.90 1.47 22.44
C MET A 305 -7.60 0.13 22.28
N PHE A 306 -6.82 -0.95 22.24
CA PHE A 306 -7.38 -2.28 22.19
C PHE A 306 -8.39 -2.48 23.32
N ASN A 307 -7.99 -2.20 24.55
CA ASN A 307 -8.83 -2.49 25.72
C ASN A 307 -10.01 -1.54 25.85
N LYS A 308 -9.80 -0.24 25.69
CA LYS A 308 -10.85 0.73 26.00
C LYS A 308 -11.79 1.02 24.82
N VAL A 309 -11.36 0.84 23.58
CA VAL A 309 -12.18 1.18 22.41
C VAL A 309 -12.73 -0.06 21.71
N PHE A 310 -11.87 -1.07 21.45
CA PHE A 310 -12.24 -2.16 20.56
C PHE A 310 -12.70 -3.44 21.28
N LYS A 311 -12.31 -3.64 22.54
CA LYS A 311 -12.24 -4.97 23.12
C LYS A 311 -13.57 -5.74 23.03
N ASN A 312 -14.72 -5.11 23.20
CA ASN A 312 -15.90 -5.97 23.10
C ASN A 312 -16.81 -5.65 21.91
N SER A 313 -16.27 -4.99 20.89
CA SER A 313 -17.05 -4.62 19.71
C SER A 313 -16.46 -5.20 18.43
N LEU A 314 -15.52 -6.14 18.52
CA LEU A 314 -14.76 -6.55 17.34
C LEU A 314 -15.67 -7.00 16.20
N PHE A 315 -16.67 -7.85 16.50
CA PHE A 315 -17.49 -8.37 15.42
C PHE A 315 -18.40 -7.29 14.85
N GLU A 316 -19.06 -6.51 15.70
CA GLU A 316 -19.90 -5.43 15.19
C GLU A 316 -19.11 -4.52 14.25
N LEU A 317 -17.87 -4.17 14.65
CA LEU A 317 -17.03 -3.32 13.79
C LEU A 317 -16.55 -4.07 12.54
N SER A 318 -16.40 -5.40 12.61
CA SER A 318 -15.95 -6.15 11.45
C SER A 318 -16.99 -6.22 10.35
N VAL A 319 -18.27 -6.03 10.64
CA VAL A 319 -19.28 -6.16 9.59
C VAL A 319 -19.63 -4.83 8.98
N ASP A 320 -19.04 -3.74 9.45
CA ASP A 320 -19.29 -2.42 8.90
C ASP A 320 -18.43 -2.17 7.66
N ARG A 321 -19.01 -1.51 6.65
CA ARG A 321 -18.27 -1.29 5.40
C ARG A 321 -17.02 -0.45 5.61
N CYS A 322 -16.96 0.38 6.64
CA CYS A 322 -15.79 1.21 6.91
C CYS A 322 -14.98 0.69 8.09
N ALA A 323 -15.65 0.36 9.20
CA ALA A 323 -14.93 -0.01 10.40
C ALA A 323 -14.11 -1.28 10.24
N ASN A 324 -14.50 -2.17 9.30
CA ASN A 324 -13.80 -3.46 9.23
C ASN A 324 -12.34 -3.30 8.82
N PHE A 325 -12.01 -2.24 8.06
CA PHE A 325 -10.62 -1.97 7.77
C PHE A 325 -9.86 -1.49 9.00
N VAL A 326 -10.52 -0.77 9.92
CA VAL A 326 -9.90 -0.48 11.20
C VAL A 326 -9.62 -1.77 11.96
N ILE A 327 -10.54 -2.73 11.89
CA ILE A 327 -10.33 -3.99 12.58
C ILE A 327 -9.17 -4.75 11.96
N GLN A 328 -9.05 -4.72 10.63
CA GLN A 328 -7.90 -5.34 9.99
C GLN A 328 -6.60 -4.72 10.49
N ALA A 329 -6.59 -3.40 10.67
CA ALA A 329 -5.37 -2.76 11.16
C ALA A 329 -5.13 -3.11 12.62
N LEU A 330 -6.17 -3.12 13.43
CA LEU A 330 -6.03 -3.56 14.81
C LEU A 330 -5.45 -4.96 14.88
N ILE A 331 -6.00 -5.89 14.09
CA ILE A 331 -5.56 -7.27 14.13
C ILE A 331 -4.07 -7.37 13.76
N SER A 332 -3.68 -6.72 12.67
CA SER A 332 -2.31 -6.79 12.18
C SER A 332 -1.27 -6.30 13.16
N HIS A 333 -1.62 -5.44 14.12
CA HIS A 333 -0.60 -4.85 14.98
C HIS A 333 -0.76 -5.29 16.43
N ALA A 334 -1.53 -6.36 16.66
CA ALA A 334 -1.63 -6.95 17.99
C ALA A 334 -0.25 -7.34 18.50
N ARG A 335 -0.09 -7.26 19.82
CA ARG A 335 1.24 -7.39 20.42
C ARG A 335 1.48 -8.75 21.05
N ASP A 336 0.45 -9.43 21.53
CA ASP A 336 0.70 -10.54 22.44
C ASP A 336 -0.44 -11.55 22.40
N GLN A 337 -0.20 -12.66 23.09
CA GLN A 337 -1.10 -13.80 22.99
C GLN A 337 -2.43 -13.54 23.66
N GLU A 338 -2.45 -12.72 24.71
CA GLU A 338 -3.71 -12.40 25.37
C GLU A 338 -4.64 -11.67 24.43
N GLN A 339 -4.12 -10.71 23.67
CA GLN A 339 -4.91 -10.04 22.64
C GLN A 339 -5.33 -11.00 21.54
N MET A 340 -4.42 -11.90 21.15
CA MET A 340 -4.77 -12.90 20.15
C MET A 340 -5.97 -13.73 20.61
N GLY A 341 -5.98 -14.11 21.89
CA GLY A 341 -7.09 -14.91 22.39
C GLY A 341 -8.41 -14.18 22.35
N ILE A 342 -8.41 -12.92 22.79
CA ILE A 342 -9.62 -12.10 22.73
C ILE A 342 -10.13 -11.97 21.30
N MET A 343 -9.23 -11.63 20.38
CA MET A 343 -9.65 -11.52 18.98
C MET A 343 -10.17 -12.86 18.47
N TRP A 344 -9.52 -13.95 18.87
CA TRP A 344 -9.98 -15.27 18.49
C TRP A 344 -11.40 -15.51 18.99
N GLU A 345 -11.64 -15.26 20.28
CA GLU A 345 -12.94 -15.53 20.89
C GLU A 345 -14.05 -14.73 20.21
N GLU A 346 -13.77 -13.49 19.85
CA GLU A 346 -14.84 -12.64 19.32
C GLU A 346 -15.10 -12.87 17.84
N LEU A 347 -14.10 -13.32 17.09
CA LEU A 347 -14.21 -13.30 15.64
C LEU A 347 -14.23 -14.67 14.96
N ALA A 348 -13.58 -15.67 15.53
CA ALA A 348 -13.49 -16.95 14.85
C ALA A 348 -14.82 -17.68 14.81
N PRO A 349 -15.63 -17.68 15.89
CA PRO A 349 -16.97 -18.27 15.78
C PRO A 349 -17.77 -17.66 14.64
N ARG A 350 -17.40 -16.47 14.18
CA ARG A 350 -18.17 -15.77 13.16
C ARG A 350 -17.44 -15.70 11.81
N PHE A 351 -16.40 -16.54 11.61
CA PHE A 351 -15.67 -16.54 10.34
C PHE A 351 -16.62 -16.68 9.15
N LYS A 352 -17.61 -17.57 9.25
CA LYS A 352 -18.53 -17.74 8.13
C LYS A 352 -19.29 -16.44 7.86
N ASP A 353 -19.73 -15.75 8.91
CA ASP A 353 -20.43 -14.49 8.69
C ASP A 353 -19.55 -13.50 7.94
N LEU A 354 -18.28 -13.40 8.35
CA LEU A 354 -17.37 -12.45 7.73
C LEU A 354 -17.16 -12.75 6.23
N LEU A 355 -17.00 -14.04 5.88
CA LEU A 355 -16.81 -14.38 4.46
C LEU A 355 -18.07 -14.15 3.66
N GLU A 356 -19.24 -14.55 4.19
CA GLU A 356 -20.49 -14.29 3.48
C GLU A 356 -20.70 -12.81 3.21
N GLN A 357 -20.38 -11.96 4.19
CA GLN A 357 -20.71 -10.55 4.12
C GLN A 357 -19.65 -9.72 3.42
N GLY A 358 -18.63 -10.35 2.85
CA GLY A 358 -17.61 -9.63 2.11
C GLY A 358 -16.52 -9.02 2.98
N LYS A 359 -16.13 -9.68 4.06
CA LYS A 359 -15.14 -9.19 4.99
C LYS A 359 -13.99 -10.17 5.13
N SER A 360 -13.57 -10.76 4.00
CA SER A 360 -12.45 -11.69 3.96
C SER A 360 -11.15 -11.08 4.47
N GLY A 361 -10.98 -9.76 4.30
CA GLY A 361 -9.79 -9.11 4.84
C GLY A 361 -9.65 -9.26 6.34
N VAL A 362 -10.77 -9.34 7.07
CA VAL A 362 -10.69 -9.53 8.51
C VAL A 362 -10.11 -10.90 8.82
N VAL A 363 -10.59 -11.94 8.11
CA VAL A 363 -10.08 -13.30 8.31
C VAL A 363 -8.64 -13.37 7.89
N ALA A 364 -8.30 -12.83 6.72
CA ALA A 364 -6.91 -12.79 6.28
C ALA A 364 -6.01 -12.21 7.35
N SER A 365 -6.43 -11.12 8.00
CA SER A 365 -5.56 -10.49 8.98
C SER A 365 -5.41 -11.35 10.22
N LEU A 366 -6.52 -11.91 10.71
CA LEU A 366 -6.43 -12.78 11.87
C LEU A 366 -5.51 -13.96 11.59
N ILE A 367 -5.67 -14.60 10.44
CA ILE A 367 -4.80 -15.69 10.07
C ILE A 367 -3.35 -15.23 10.03
N ALA A 368 -3.09 -14.06 9.42
CA ALA A 368 -1.71 -13.62 9.22
C ALA A 368 -1.01 -13.31 10.53
N VAL A 369 -1.71 -12.72 11.49
CA VAL A 369 -1.06 -12.35 12.76
C VAL A 369 -0.93 -13.56 13.66
N SER A 370 -1.76 -14.59 13.44
CA SER A 370 -1.65 -15.83 14.18
C SER A 370 -0.31 -16.50 13.90
N GLN A 371 0.07 -16.58 12.62
CA GLN A 371 1.38 -17.08 12.25
C GLN A 371 2.50 -16.15 12.72
N ARG A 372 2.20 -14.90 13.02
CA ARG A 372 3.24 -13.99 13.47
C ARG A 372 3.45 -14.06 14.98
N LEU A 373 2.36 -14.15 15.75
CA LEU A 373 2.48 -14.21 17.19
C LEU A 373 2.66 -15.63 17.72
N GLN A 374 2.52 -16.65 16.84
CA GLN A 374 2.64 -18.05 17.23
C GLN A 374 1.58 -18.41 18.28
N SER A 375 0.35 -18.01 18.00
CA SER A 375 -0.76 -18.23 18.92
C SER A 375 -1.99 -18.57 18.10
N HIS A 376 -2.69 -19.61 18.53
CA HIS A 376 -3.97 -19.98 17.93
C HIS A 376 -3.85 -20.38 16.47
N GLU A 377 -2.65 -20.77 16.03
CA GLU A 377 -2.46 -21.16 14.62
C GLU A 377 -3.47 -22.23 14.21
N ASN A 378 -3.44 -23.36 14.89
CA ASN A 378 -4.31 -24.45 14.47
C ASN A 378 -5.76 -24.08 14.67
N LYS A 379 -6.07 -23.31 15.72
CA LYS A 379 -7.45 -22.88 15.92
C LYS A 379 -7.91 -21.99 14.77
N CYS A 380 -7.01 -21.14 14.25
CA CYS A 380 -7.40 -20.27 13.15
C CYS A 380 -7.62 -21.05 11.88
N CYS A 381 -6.68 -21.95 11.55
CA CYS A 381 -6.83 -22.77 10.35
C CYS A 381 -8.10 -23.60 10.40
N GLU A 382 -8.40 -24.23 11.54
CA GLU A 382 -9.61 -25.06 11.64
C GLU A 382 -10.88 -24.21 11.54
N ALA A 383 -10.88 -23.02 12.15
CA ALA A 383 -12.07 -22.18 12.06
C ALA A 383 -12.33 -21.75 10.63
N LEU A 384 -11.29 -21.57 9.83
CA LEU A 384 -11.45 -21.26 8.42
C LEU A 384 -12.06 -22.44 7.65
N VAL A 385 -11.52 -23.65 7.85
CA VAL A 385 -12.09 -24.84 7.20
C VAL A 385 -13.56 -24.98 7.55
N GLY A 386 -13.88 -24.91 8.85
CA GLY A 386 -15.27 -25.02 9.27
C GLY A 386 -16.15 -23.92 8.71
N ALA A 387 -15.59 -22.73 8.46
CA ALA A 387 -16.39 -21.64 7.92
C ALA A 387 -16.76 -21.86 6.47
N VAL A 388 -15.98 -22.64 5.74
CA VAL A 388 -16.17 -22.78 4.30
C VAL A 388 -16.78 -24.15 4.02
N CYS A 389 -16.41 -25.14 4.86
CA CYS A 389 -16.81 -26.53 4.67
C CYS A 389 -17.52 -27.04 5.93
N SER A 390 -18.86 -27.11 5.88
CA SER A 390 -19.68 -27.59 6.99
C SER A 390 -19.58 -29.10 7.18
N THR A 391 -20.30 -29.84 6.35
CA THR A 391 -20.25 -31.29 6.40
C THR A 391 -18.82 -31.77 6.12
N ASN A 392 -18.52 -33.00 6.58
CA ASN A 392 -17.19 -33.54 6.37
C ASN A 392 -16.86 -33.69 4.89
N GLU A 393 -17.87 -33.98 4.06
CA GLU A 393 -17.59 -34.19 2.64
C GLU A 393 -17.10 -32.92 1.98
N SER A 394 -17.51 -31.75 2.47
CA SER A 394 -17.12 -30.48 1.86
C SER A 394 -15.62 -30.20 1.94
N ARG A 395 -14.89 -30.77 2.92
CA ARG A 395 -13.55 -30.30 3.30
C ARG A 395 -12.48 -30.53 2.25
N ILE A 396 -12.65 -31.51 1.36
CA ILE A 396 -11.72 -31.66 0.26
C ILE A 396 -11.82 -30.46 -0.69
N SER A 397 -12.90 -29.69 -0.62
CA SER A 397 -13.08 -28.55 -1.51
C SER A 397 -12.70 -27.21 -0.87
N ILE A 398 -11.94 -27.26 0.23
CA ILE A 398 -11.57 -26.01 0.87
C ILE A 398 -10.79 -25.12 -0.10
N LEU A 399 -9.89 -25.71 -0.92
CA LEU A 399 -9.09 -24.89 -1.82
C LEU A 399 -9.93 -24.26 -2.93
N PRO A 400 -10.64 -25.03 -3.77
CA PRO A 400 -11.49 -24.37 -4.78
C PRO A 400 -12.40 -23.31 -4.21
N ARG A 401 -12.90 -23.51 -2.98
CA ARG A 401 -13.87 -22.57 -2.46
C ARG A 401 -13.23 -21.26 -2.05
N LEU A 402 -11.97 -21.29 -1.62
CA LEU A 402 -11.26 -20.07 -1.28
C LEU A 402 -10.66 -19.39 -2.51
N LEU A 403 -10.25 -20.16 -3.52
CA LEU A 403 -9.78 -19.56 -4.77
C LEU A 403 -10.89 -18.75 -5.45
N PHE A 404 -12.14 -19.19 -5.34
CA PHE A 404 -13.27 -18.42 -5.89
C PHE A 404 -14.25 -18.05 -4.77
N LEU A 405 -13.72 -17.40 -3.73
CA LEU A 405 -14.48 -17.14 -2.50
C LEU A 405 -15.81 -16.44 -2.77
N ASP A 406 -15.83 -15.49 -3.71
CA ASP A 406 -17.07 -14.75 -3.97
C ASP A 406 -18.05 -15.56 -4.82
N TYR A 407 -17.56 -16.36 -5.77
CA TYR A 407 -18.47 -17.22 -6.52
C TYR A 407 -19.08 -18.29 -5.62
N TYR A 408 -18.30 -18.89 -4.74
CA TYR A 408 -18.88 -19.93 -3.89
C TYR A 408 -19.90 -19.34 -2.93
N PHE A 409 -19.59 -18.20 -2.30
CA PHE A 409 -20.54 -17.66 -1.34
C PHE A 409 -21.68 -16.91 -2.01
N GLY A 410 -21.50 -16.42 -3.22
CA GLY A 410 -22.62 -15.84 -3.94
C GLY A 410 -23.41 -16.84 -4.74
N CYS A 411 -23.09 -18.12 -4.56
CA CYS A 411 -23.72 -19.20 -5.30
C CYS A 411 -25.20 -19.33 -4.97
N ARG A 412 -25.97 -19.77 -5.98
CA ARG A 412 -27.38 -20.13 -5.76
C ARG A 412 -27.49 -21.41 -4.93
N ASP A 413 -26.72 -22.44 -5.28
CA ASP A 413 -26.80 -23.75 -4.63
C ASP A 413 -25.40 -24.23 -4.21
N LYS A 414 -25.05 -24.02 -2.95
CA LYS A 414 -23.68 -24.26 -2.51
C LYS A 414 -23.34 -25.75 -2.41
N SER A 415 -24.34 -26.62 -2.36
CA SER A 415 -24.04 -28.05 -2.27
C SER A 415 -23.63 -28.65 -3.60
N THR A 416 -23.78 -27.91 -4.70
CA THR A 416 -23.38 -28.35 -6.02
C THR A 416 -22.22 -27.54 -6.60
N TRP A 417 -21.85 -26.42 -5.98
CA TRP A 417 -20.78 -25.59 -6.49
C TRP A 417 -19.43 -26.32 -6.42
N GLU A 418 -18.67 -26.23 -7.51
CA GLU A 418 -17.36 -26.87 -7.59
C GLU A 418 -16.28 -25.98 -8.14
N TRP A 419 -16.58 -25.05 -9.04
CA TRP A 419 -15.57 -24.33 -9.77
C TRP A 419 -16.22 -23.11 -10.41
N ALA A 420 -15.39 -22.14 -10.80
CA ALA A 420 -15.85 -21.00 -11.61
C ALA A 420 -15.05 -21.02 -12.92
N PRO A 421 -15.49 -21.79 -13.91
CA PRO A 421 -14.68 -21.96 -15.12
C PRO A 421 -14.41 -20.64 -15.79
N GLY A 422 -13.13 -20.36 -16.04
CA GLY A 422 -12.70 -19.14 -16.68
C GLY A 422 -12.66 -17.92 -15.80
N ALA A 423 -13.25 -17.96 -14.60
CA ALA A 423 -13.35 -16.76 -13.78
C ALA A 423 -11.99 -16.36 -13.23
N LYS A 424 -11.85 -15.06 -12.97
CA LYS A 424 -10.69 -14.55 -12.26
C LYS A 424 -10.76 -14.97 -10.80
N MET A 425 -9.65 -15.45 -10.25
CA MET A 425 -9.67 -15.90 -8.89
C MET A 425 -9.63 -14.73 -7.91
N HIS A 426 -9.92 -15.02 -6.67
CA HIS A 426 -10.33 -14.03 -5.69
C HIS A 426 -9.09 -13.54 -4.95
N VAL A 427 -8.84 -12.24 -5.05
CA VAL A 427 -7.60 -11.69 -4.51
C VAL A 427 -7.44 -12.04 -3.03
N MET A 428 -8.46 -11.74 -2.22
CA MET A 428 -8.28 -11.90 -0.79
C MET A 428 -8.34 -13.38 -0.38
N GLY A 429 -9.20 -14.18 -1.03
CA GLY A 429 -9.15 -15.61 -0.79
C GLY A 429 -7.79 -16.21 -1.07
N CYS A 430 -7.15 -15.74 -2.15
CA CYS A 430 -5.80 -16.20 -2.46
C CYS A 430 -4.78 -15.69 -1.46
N LEU A 431 -4.95 -14.46 -0.97
CA LEU A 431 -4.03 -13.97 0.04
C LEU A 431 -4.17 -14.75 1.35
N ILE A 432 -5.40 -15.09 1.75
CA ILE A 432 -5.59 -15.98 2.89
C ILE A 432 -4.79 -17.27 2.68
N LEU A 433 -4.95 -17.91 1.52
CA LEU A 433 -4.26 -19.17 1.25
C LEU A 433 -2.76 -18.99 1.30
N GLN A 434 -2.24 -17.89 0.76
CA GLN A 434 -0.80 -17.60 0.86
C GLN A 434 -0.35 -17.49 2.31
N GLY A 435 -1.18 -16.93 3.18
CA GLY A 435 -0.85 -16.96 4.60
C GLY A 435 -0.94 -18.37 5.15
N ILE A 436 -2.00 -19.09 4.77
CA ILE A 436 -2.18 -20.46 5.25
C ILE A 436 -0.91 -21.26 5.00
N PHE A 437 -0.30 -21.10 3.82
CA PHE A 437 0.83 -21.96 3.48
C PHE A 437 2.13 -21.49 4.12
N LYS A 438 2.10 -20.44 4.93
CA LYS A 438 3.25 -20.10 5.76
C LYS A 438 3.19 -20.76 7.13
N PHE A 439 2.04 -21.35 7.49
CA PHE A 439 1.96 -22.17 8.69
C PHE A 439 2.76 -23.46 8.52
N SER A 440 3.17 -24.03 9.64
CA SER A 440 3.71 -25.39 9.69
C SER A 440 2.70 -26.40 9.16
N SER A 441 3.19 -27.44 8.46
CA SER A 441 2.30 -28.43 7.85
C SER A 441 1.35 -29.06 8.86
N ASP A 442 1.78 -29.13 10.13
CA ASP A 442 0.93 -29.66 11.22
C ASP A 442 -0.45 -29.01 11.29
N HIS A 443 -0.52 -27.69 11.02
CA HIS A 443 -1.77 -26.97 11.20
C HIS A 443 -2.64 -26.90 9.94
N ILE A 444 -2.15 -27.35 8.79
CA ILE A 444 -2.82 -27.03 7.54
C ILE A 444 -2.98 -28.26 6.66
N GLN A 445 -2.98 -29.45 7.27
CA GLN A 445 -3.15 -30.68 6.50
C GLN A 445 -4.39 -30.66 5.60
N PRO A 446 -5.55 -30.20 6.04
CA PRO A 446 -6.68 -30.11 5.10
C PRO A 446 -6.36 -29.25 3.90
N TYR A 447 -5.52 -28.23 4.05
CA TYR A 447 -5.24 -27.35 2.93
C TYR A 447 -4.26 -27.99 1.95
N ILE A 448 -3.25 -28.70 2.48
CA ILE A 448 -2.29 -29.38 1.63
C ILE A 448 -2.97 -30.52 0.87
N THR A 449 -3.78 -31.32 1.56
CA THR A 449 -4.48 -32.42 0.91
C THR A 449 -5.43 -31.91 -0.17
N SER A 450 -6.15 -30.82 0.11
CA SER A 450 -7.09 -30.26 -0.84
C SER A 450 -6.39 -29.75 -2.09
N LEU A 451 -5.30 -28.99 -1.90
CA LEU A 451 -4.60 -28.45 -3.06
C LEU A 451 -3.97 -29.56 -3.88
N THR A 452 -3.20 -30.44 -3.23
CA THR A 452 -2.50 -31.47 -3.97
C THR A 452 -3.42 -32.51 -4.59
N SER A 453 -4.71 -32.52 -4.23
CA SER A 453 -5.59 -33.51 -4.82
C SER A 453 -6.54 -32.92 -5.87
N MET A 454 -6.54 -31.60 -6.08
CA MET A 454 -7.27 -31.02 -7.20
C MET A 454 -6.86 -31.68 -8.51
N LYS A 455 -7.84 -31.86 -9.39
CA LYS A 455 -7.55 -32.51 -10.66
C LYS A 455 -6.70 -31.58 -11.53
N ALA A 456 -6.00 -32.18 -12.49
CA ALA A 456 -5.03 -31.46 -13.30
C ALA A 456 -5.62 -30.19 -13.91
N GLU A 457 -6.86 -30.25 -14.43
CA GLU A 457 -7.43 -29.07 -15.07
C GLU A 457 -7.56 -27.90 -14.08
N TYR A 458 -7.95 -28.19 -12.85
CA TYR A 458 -8.09 -27.14 -11.84
C TYR A 458 -6.73 -26.59 -11.41
N ILE A 459 -5.75 -27.47 -11.18
CA ILE A 459 -4.41 -27.02 -10.83
C ILE A 459 -3.83 -26.18 -11.97
N THR A 460 -4.15 -26.56 -13.21
CA THR A 460 -3.65 -25.81 -14.35
C THR A 460 -4.31 -24.44 -14.45
N GLU A 461 -5.63 -24.37 -14.29
CA GLU A 461 -6.30 -23.08 -14.27
C GLU A 461 -5.79 -22.21 -13.13
N THR A 462 -5.50 -22.82 -11.97
CA THR A 462 -4.99 -22.05 -10.83
C THR A 462 -3.64 -21.43 -11.15
N ALA A 463 -2.73 -22.19 -11.77
CA ALA A 463 -1.40 -21.65 -12.06
C ALA A 463 -1.46 -20.52 -13.08
N LYS A 464 -2.41 -20.55 -14.01
CA LYS A 464 -2.55 -19.52 -15.04
C LYS A 464 -3.25 -18.27 -14.53
N ASP A 465 -3.71 -18.28 -13.29
CA ASP A 465 -4.38 -17.13 -12.71
C ASP A 465 -3.35 -16.33 -11.93
N SER A 466 -3.42 -15.00 -12.08
CA SER A 466 -2.40 -14.14 -11.49
C SER A 466 -2.42 -14.14 -9.97
N SER A 467 -3.57 -14.45 -9.35
CA SER A 467 -3.68 -14.67 -7.92
C SER A 467 -3.42 -16.13 -7.54
N GLY A 468 -4.01 -17.08 -8.29
CA GLY A 468 -3.81 -18.49 -7.98
C GLY A 468 -2.36 -18.94 -8.08
N ALA A 469 -1.60 -18.34 -9.00
CA ALA A 469 -0.18 -18.66 -9.09
C ALA A 469 0.57 -18.32 -7.80
N ARG A 470 0.13 -17.27 -7.09
CA ARG A 470 0.73 -16.97 -5.79
C ARG A 470 0.38 -18.04 -4.76
N VAL A 471 -0.79 -18.65 -4.86
CA VAL A 471 -1.13 -19.79 -3.99
C VAL A 471 -0.18 -20.95 -4.25
N ILE A 472 -0.08 -21.39 -5.53
CA ILE A 472 0.84 -22.47 -5.89
C ILE A 472 2.22 -22.21 -5.34
N GLU A 473 2.71 -20.97 -5.49
CA GLU A 473 4.08 -20.66 -5.10
C GLU A 473 4.24 -20.72 -3.59
N ALA A 474 3.23 -20.25 -2.86
CA ALA A 474 3.30 -20.34 -1.41
C ALA A 474 3.35 -21.79 -0.96
N PHE A 475 2.63 -22.67 -1.67
CA PHE A 475 2.65 -24.09 -1.31
C PHE A 475 4.00 -24.73 -1.62
N LEU A 476 4.59 -24.36 -2.76
CA LEU A 476 5.90 -24.88 -3.11
C LEU A 476 6.97 -24.39 -2.13
N ALA A 477 6.73 -23.25 -1.47
CA ALA A 477 7.66 -22.75 -0.48
C ALA A 477 7.33 -23.22 0.93
N SER A 478 6.18 -23.86 1.13
CA SER A 478 5.77 -24.33 2.45
C SER A 478 6.61 -25.52 2.87
N ASP A 479 6.37 -26.03 4.08
CA ASP A 479 7.06 -27.25 4.48
C ASP A 479 6.16 -28.48 4.35
N ALA A 480 5.28 -28.49 3.38
CA ALA A 480 4.63 -29.73 2.98
C ALA A 480 5.69 -30.69 2.44
N ALA A 481 5.35 -31.98 2.40
CA ALA A 481 6.32 -32.98 1.98
C ALA A 481 6.68 -32.81 0.52
N THR A 482 7.91 -33.22 0.17
CA THR A 482 8.37 -33.18 -1.22
C THR A 482 7.46 -34.00 -2.13
N LYS A 483 7.09 -35.21 -1.68
CA LYS A 483 6.15 -36.05 -2.41
C LYS A 483 4.90 -35.27 -2.80
N GLN A 484 4.39 -34.42 -1.90
CA GLN A 484 3.15 -33.71 -2.13
C GLN A 484 3.35 -32.57 -3.13
N LYS A 485 4.44 -31.81 -2.98
CA LYS A 485 4.81 -30.83 -3.98
C LYS A 485 4.94 -31.49 -5.34
N ARG A 486 5.66 -32.62 -5.39
CA ARG A 486 5.87 -33.33 -6.64
C ARG A 486 4.56 -33.72 -7.32
N ARG A 487 3.63 -34.28 -6.55
CA ARG A 487 2.33 -34.67 -7.09
C ARG A 487 1.67 -33.49 -7.81
N LEU A 488 1.68 -32.31 -7.18
CA LEU A 488 1.06 -31.14 -7.78
C LEU A 488 1.80 -30.72 -9.05
N ILE A 489 3.12 -30.61 -8.96
CA ILE A 489 3.92 -30.23 -10.12
C ILE A 489 3.67 -31.17 -11.30
N ILE A 490 3.54 -32.48 -11.03
CA ILE A 490 3.36 -33.43 -12.11
C ILE A 490 2.04 -33.17 -12.82
N LYS A 491 1.02 -32.76 -12.07
CA LYS A 491 -0.24 -32.44 -12.74
C LYS A 491 -0.16 -31.14 -13.54
N LEU A 492 0.98 -30.46 -13.56
CA LEU A 492 1.14 -29.32 -14.45
C LEU A 492 1.77 -29.70 -15.79
N ARG A 493 2.24 -30.95 -15.94
CA ARG A 493 2.88 -31.35 -17.18
C ARG A 493 1.96 -31.09 -18.36
N GLY A 494 2.57 -30.70 -19.49
CA GLY A 494 1.82 -30.31 -20.64
C GLY A 494 1.41 -28.86 -20.67
N HIS A 495 1.61 -28.10 -19.60
CA HIS A 495 1.17 -26.72 -19.59
C HIS A 495 2.28 -25.74 -19.28
N PHE A 496 3.51 -26.20 -19.09
CA PHE A 496 4.56 -25.27 -18.71
C PHE A 496 4.83 -24.27 -19.82
N GLY A 497 4.76 -24.71 -21.08
CA GLY A 497 4.97 -23.80 -22.19
C GLY A 497 4.01 -22.62 -22.17
N GLU A 498 2.72 -22.90 -22.08
CA GLU A 498 1.71 -21.84 -22.04
C GLU A 498 1.82 -21.02 -20.76
N LEU A 499 2.02 -21.70 -19.63
CA LEU A 499 2.27 -21.00 -18.38
C LEU A 499 3.41 -20.00 -18.51
N SER A 500 4.51 -20.39 -19.18
CA SER A 500 5.71 -19.55 -19.22
C SER A 500 5.51 -18.31 -20.10
N LEU A 501 4.51 -18.31 -21.00
CA LEU A 501 4.34 -17.22 -21.95
C LEU A 501 3.72 -15.97 -21.33
N HIS A 502 3.49 -15.97 -20.03
CA HIS A 502 2.92 -14.84 -19.30
C HIS A 502 3.83 -14.52 -18.12
N THR A 503 3.87 -13.23 -17.77
CA THR A 503 4.83 -12.78 -16.76
C THR A 503 4.64 -13.52 -15.45
N SER A 504 3.40 -13.68 -15.01
CA SER A 504 3.12 -14.36 -13.76
C SER A 504 3.47 -15.84 -13.85
N GLY A 505 3.08 -16.49 -14.95
CA GLY A 505 3.39 -17.89 -15.12
C GLY A 505 4.89 -18.17 -15.12
N SER A 506 5.68 -17.26 -15.68
CA SER A 506 7.11 -17.52 -15.77
C SER A 506 7.71 -17.68 -14.38
N PHE A 507 7.22 -16.93 -13.39
CA PHE A 507 7.73 -17.12 -12.03
C PHE A 507 7.35 -18.48 -11.51
N THR A 508 6.11 -18.90 -11.78
CA THR A 508 5.64 -20.21 -11.36
C THR A 508 6.44 -21.32 -12.01
N VAL A 509 6.78 -21.17 -13.29
CA VAL A 509 7.58 -22.18 -13.99
C VAL A 509 8.94 -22.33 -13.33
N GLU A 510 9.59 -21.22 -12.96
CA GLU A 510 10.89 -21.30 -12.31
C GLU A 510 10.78 -21.86 -10.89
N LYS A 511 9.68 -21.57 -10.19
CA LYS A 511 9.50 -22.16 -8.87
C LYS A 511 9.29 -23.66 -8.96
N CYS A 512 8.48 -24.12 -9.92
CA CYS A 512 8.30 -25.56 -10.13
C CYS A 512 9.62 -26.22 -10.48
N PHE A 513 10.36 -25.62 -11.43
CA PHE A 513 11.64 -26.15 -11.86
C PHE A 513 12.59 -26.34 -10.69
N ASP A 514 12.71 -25.33 -9.83
CA ASP A 514 13.66 -25.41 -8.74
C ASP A 514 13.31 -26.54 -7.78
N ALA A 515 12.02 -26.89 -7.70
CA ALA A 515 11.54 -27.92 -6.78
C ALA A 515 11.58 -29.33 -7.38
N CYS A 516 12.11 -29.51 -8.58
CA CYS A 516 12.01 -30.77 -9.29
C CYS A 516 13.30 -31.58 -9.24
N ASN A 517 13.13 -32.89 -9.45
CA ASN A 517 14.23 -33.79 -9.74
C ASN A 517 14.64 -33.63 -11.21
N LEU A 518 15.64 -34.41 -11.66
CA LEU A 518 16.14 -34.25 -13.03
C LEU A 518 15.07 -34.60 -14.05
N THR A 519 14.28 -35.64 -13.77
CA THR A 519 13.29 -36.11 -14.72
C THR A 519 12.25 -35.02 -15.03
N LEU A 520 11.84 -34.26 -14.03
CA LEU A 520 10.86 -33.23 -14.26
C LEU A 520 11.48 -31.92 -14.72
N ARG A 521 12.69 -31.60 -14.27
CA ARG A 521 13.40 -30.47 -14.85
C ARG A 521 13.57 -30.63 -16.36
N GLU A 522 13.88 -31.85 -16.80
CA GLU A 522 13.99 -32.11 -18.22
C GLU A 522 12.64 -32.03 -18.93
N ALA A 523 11.58 -32.51 -18.28
CA ALA A 523 10.23 -32.37 -18.84
C ALA A 523 9.87 -30.90 -19.05
N ILE A 524 10.09 -30.07 -18.02
CA ILE A 524 9.79 -28.65 -18.12
C ILE A 524 10.66 -27.98 -19.17
N ALA A 525 11.96 -28.33 -19.19
CA ALA A 525 12.88 -27.72 -20.15
C ALA A 525 12.43 -27.97 -21.59
N SER A 526 11.99 -29.19 -21.89
CA SER A 526 11.60 -29.46 -23.27
C SER A 526 10.27 -28.81 -23.62
N GLU A 527 9.41 -28.56 -22.63
CA GLU A 527 8.17 -27.86 -22.93
C GLU A 527 8.44 -26.40 -23.24
N LEU A 528 9.41 -25.79 -22.57
CA LEU A 528 9.79 -24.43 -22.89
C LEU A 528 10.48 -24.37 -24.25
N LEU A 529 11.21 -25.42 -24.60
CA LEU A 529 11.85 -25.48 -25.90
C LEU A 529 10.83 -25.34 -27.03
N ASP A 530 9.72 -26.08 -26.95
CA ASP A 530 8.68 -26.02 -27.98
C ASP A 530 8.16 -24.60 -28.20
N VAL A 531 8.19 -23.75 -27.18
CA VAL A 531 7.62 -22.41 -27.24
C VAL A 531 8.72 -21.35 -27.18
N LYS A 532 9.96 -21.74 -27.51
CA LYS A 532 11.12 -20.88 -27.28
C LYS A 532 11.08 -19.61 -28.11
N VAL A 533 10.51 -19.67 -29.31
CA VAL A 533 10.42 -18.47 -30.15
C VAL A 533 9.51 -17.44 -29.47
N ASP A 534 8.26 -17.82 -29.24
CA ASP A 534 7.32 -16.91 -28.57
C ASP A 534 7.84 -16.46 -27.21
N LEU A 535 8.30 -17.41 -26.39
CA LEU A 535 8.79 -17.08 -25.05
C LEU A 535 9.84 -15.96 -25.10
N SER A 536 10.71 -15.96 -26.10
CA SER A 536 11.77 -14.96 -26.16
C SER A 536 11.24 -13.57 -26.46
N LYS A 537 10.03 -13.47 -27.01
CA LYS A 537 9.41 -12.18 -27.26
C LYS A 537 8.61 -11.66 -26.08
N THR A 538 8.64 -12.36 -24.94
CA THR A 538 7.92 -11.98 -23.74
C THR A 538 8.80 -11.09 -22.87
N LYS A 539 8.15 -10.28 -22.03
CA LYS A 539 8.91 -9.52 -21.04
C LYS A 539 9.86 -10.42 -20.26
N GLN A 540 9.36 -11.49 -19.64
CA GLN A 540 10.18 -12.32 -18.77
C GLN A 540 10.89 -13.46 -19.48
N GLY A 541 10.46 -13.79 -20.70
CA GLY A 541 10.95 -14.93 -21.46
C GLY A 541 12.46 -15.07 -21.58
N PRO A 542 13.15 -14.01 -22.04
CA PRO A 542 14.61 -14.12 -22.15
C PRO A 542 15.27 -14.49 -20.84
N TYR A 543 14.85 -13.89 -19.73
CA TYR A 543 15.41 -14.24 -18.43
C TYR A 543 15.12 -15.70 -18.09
N LEU A 544 13.87 -16.12 -18.28
CA LEU A 544 13.50 -17.49 -17.95
C LEU A 544 14.27 -18.47 -18.83
N LEU A 545 14.34 -18.19 -20.13
CA LEU A 545 15.13 -19.04 -21.03
C LEU A 545 16.57 -19.15 -20.55
N ARG A 546 17.14 -18.05 -20.07
CA ARG A 546 18.53 -18.04 -19.63
C ARG A 546 18.70 -18.77 -18.29
N LYS A 547 17.80 -18.52 -17.33
CA LYS A 547 17.92 -19.11 -15.99
C LYS A 547 17.84 -20.63 -16.02
N LEU A 548 16.89 -21.17 -16.78
CA LEU A 548 16.77 -22.61 -16.96
C LEU A 548 17.77 -23.16 -17.98
N ASP A 549 18.49 -22.30 -18.70
CA ASP A 549 19.51 -22.71 -19.68
C ASP A 549 18.88 -23.55 -20.80
N ILE A 550 17.83 -23.03 -21.42
CA ILE A 550 17.10 -23.82 -22.39
C ILE A 550 17.94 -24.05 -23.64
N ASP A 551 18.83 -23.10 -23.97
CA ASP A 551 19.72 -23.26 -25.13
C ASP A 551 20.71 -24.40 -24.93
N GLY A 552 21.32 -24.46 -23.74
CA GLY A 552 22.15 -25.60 -23.42
C GLY A 552 21.42 -26.91 -23.52
N TYR A 553 20.21 -26.98 -22.92
CA TYR A 553 19.40 -28.19 -23.01
C TYR A 553 19.17 -28.59 -24.47
N ALA A 554 18.85 -27.62 -25.33
CA ALA A 554 18.59 -27.93 -26.73
C ALA A 554 19.83 -28.44 -27.45
N SER A 555 20.99 -27.82 -27.18
CA SER A 555 22.19 -28.04 -27.98
C SER A 555 23.13 -29.08 -27.39
N ARG A 556 23.27 -29.14 -26.07
CA ARG A 556 24.10 -30.18 -25.43
C ARG A 556 23.36 -30.76 -24.23
N PRO A 557 22.29 -31.53 -24.49
CA PRO A 557 21.44 -32.02 -23.39
C PRO A 557 22.17 -32.84 -22.34
N ASP A 558 23.22 -33.58 -22.70
CA ASP A 558 23.92 -34.37 -21.70
C ASP A 558 24.64 -33.48 -20.70
N GLN A 559 25.21 -32.37 -21.17
CA GLN A 559 25.90 -31.47 -20.27
C GLN A 559 24.92 -30.64 -19.45
N TRP A 560 23.78 -30.27 -20.04
CA TRP A 560 22.73 -29.62 -19.28
C TRP A 560 22.25 -30.52 -18.16
N LYS A 561 22.06 -31.82 -18.45
CA LYS A 561 21.57 -32.74 -17.42
C LYS A 561 22.59 -32.92 -16.31
N SER A 562 23.87 -32.91 -16.65
CA SER A 562 24.91 -33.05 -15.63
C SER A 562 24.98 -31.84 -14.74
N ARG A 563 24.80 -30.64 -15.30
CA ARG A 563 24.87 -29.45 -14.47
C ARG A 563 23.64 -29.31 -13.60
N GLN A 564 22.46 -29.70 -14.13
CA GLN A 564 21.25 -29.66 -13.30
C GLN A 564 21.34 -30.67 -12.17
N GLU A 565 21.77 -31.90 -12.46
CA GLU A 565 21.88 -32.93 -11.42
C GLU A 565 22.75 -32.47 -10.25
N ALA A 566 23.77 -31.66 -10.51
CA ALA A 566 24.57 -31.10 -9.42
C ALA A 566 23.83 -29.96 -8.72
N LYS A 567 22.54 -30.14 -8.41
CA LYS A 567 21.76 -29.13 -7.68
C LYS A 567 20.78 -29.78 -6.73
#